data_4MTT
#
_entry.id   4MTT
#
_cell.length_a   51.070
_cell.length_b   51.070
_cell.length_c   327.630
_cell.angle_alpha   90.00
_cell.angle_beta   90.00
_cell.angle_gamma   120.00
#
_symmetry.space_group_name_H-M   'P 65 2 2'
#
loop_
_entity.id
_entity.type
_entity.pdbx_description
1 polymer 'Lactoylglutathione lyase'
2 non-polymer GLYCEROL
3 non-polymer TRIS(HYDROXYETHYL)AMINOMETHANE
4 non-polymer 'ZINC ION'
5 non-polymer 'NICKEL (II) ION'
6 non-polymer 'CHLORIDE ION'
7 water water
#
_entity_poly.entity_id   1
_entity_poly.type   'polypeptide(L)'
_entity_poly.pdbx_seq_one_letter_code
;MRILHSMLRVADLEAALEFYTRALDMRLLRRRDYPEGRFTLAFVGYQDERAAAALELTHNWDRDGYTQGDGYGHLAIEVE
DAAVTCARARALGYRVTREAGLMQHGRSVIAFLEDPDGYKVELIQKGTQFD
;
_entity_poly.pdbx_strand_id   A,B
#
loop_
_chem_comp.id
_chem_comp.type
_chem_comp.name
_chem_comp.formula
CL non-polymer 'CHLORIDE ION' 'Cl -1'
GOL non-polymer GLYCEROL 'C3 H8 O3'
NI non-polymer 'NICKEL (II) ION' 'Ni 2'
TAM non-polymer TRIS(HYDROXYETHYL)AMINOMETHANE 'C7 H17 N O3'
ZN non-polymer 'ZINC ION' 'Zn 2'
#
# COMPACT_ATOMS: atom_id res chain seq x y z
N MET A 1 -11.67 6.22 12.21
CA MET A 1 -10.47 6.14 11.40
C MET A 1 -10.59 5.15 10.25
N ARG A 2 -9.78 5.36 9.20
CA ARG A 2 -9.72 4.47 8.04
C ARG A 2 -8.41 4.63 7.24
N ILE A 3 -8.07 3.58 6.48
CA ILE A 3 -6.90 3.60 5.61
C ILE A 3 -7.32 4.35 4.32
N LEU A 4 -6.60 5.43 3.96
CA LEU A 4 -6.96 6.25 2.79
C LEU A 4 -6.35 5.79 1.49
N HIS A 5 -5.04 5.58 1.47
CA HIS A 5 -4.34 5.19 0.26
C HIS A 5 -2.97 4.73 0.58
N SER A 6 -2.36 4.04 -0.39
CA SER A 6 -0.97 3.62 -0.41
C SER A 6 -0.34 4.45 -1.57
N MET A 7 0.82 5.09 -1.32
CA MET A 7 1.49 5.88 -2.34
C MET A 7 2.72 5.18 -2.90
N LEU A 8 2.84 5.10 -4.24
CA LEU A 8 3.98 4.56 -4.99
C LEU A 8 4.50 5.58 -6.00
N ARG A 9 5.83 5.65 -6.14
CA ARG A 9 6.46 6.54 -7.11
C ARG A 9 6.66 5.77 -8.41
N VAL A 10 6.30 6.42 -9.53
CA VAL A 10 6.35 5.83 -10.88
C VAL A 10 7.26 6.68 -11.76
N ALA A 11 8.00 6.04 -12.69
CA ALA A 11 8.93 6.67 -13.63
C ALA A 11 8.17 7.30 -14.80
N ASP A 12 7.10 6.67 -15.21
CA ASP A 12 6.30 7.09 -16.34
C ASP A 12 4.85 6.90 -15.94
N LEU A 13 4.17 8.04 -15.64
CA LEU A 13 2.79 8.01 -15.17
C LEU A 13 1.82 7.41 -16.17
N GLU A 14 2.00 7.73 -17.48
CA GLU A 14 1.12 7.22 -18.52
C GLU A 14 1.21 5.74 -18.63
N ALA A 15 2.44 5.18 -18.55
CA ALA A 15 2.65 3.73 -18.61
C ALA A 15 1.98 3.06 -17.38
N ALA A 16 2.13 3.67 -16.20
CA ALA A 16 1.53 3.20 -14.94
C ALA A 16 0.01 3.21 -15.05
N LEU A 17 -0.58 4.34 -15.53
CA LEU A 17 -2.04 4.46 -15.70
C LEU A 17 -2.62 3.45 -16.71
N GLU A 18 -1.89 3.19 -17.80
CA GLU A 18 -2.32 2.20 -18.79
C GLU A 18 -2.46 0.83 -18.11
N PHE A 19 -1.50 0.47 -17.22
CA PHE A 19 -1.54 -0.80 -16.49
C PHE A 19 -2.73 -0.92 -15.56
N TYR A 20 -2.89 0.03 -14.63
CA TYR A 20 -3.97 -0.02 -13.66
C TYR A 20 -5.38 0.05 -14.23
N THR A 21 -5.58 0.86 -15.30
CA THR A 21 -6.90 1.01 -15.92
C THR A 21 -7.26 -0.15 -16.86
N ARG A 22 -6.32 -0.62 -17.70
CA ARG A 22 -6.56 -1.71 -18.68
C ARG A 22 -6.39 -3.10 -18.12
N ALA A 23 -5.25 -3.41 -17.50
CA ALA A 23 -5.02 -4.75 -16.97
C ALA A 23 -5.82 -5.00 -15.69
N LEU A 24 -6.08 -3.95 -14.89
CA LEU A 24 -6.78 -4.11 -13.61
C LEU A 24 -8.16 -3.50 -13.47
N ASP A 25 -8.69 -2.88 -14.55
CA ASP A 25 -10.03 -2.25 -14.57
C ASP A 25 -10.26 -1.22 -13.51
N MET A 26 -9.18 -0.56 -13.05
CA MET A 26 -9.30 0.52 -12.08
C MET A 26 -9.70 1.74 -12.89
N ARG A 27 -10.35 2.70 -12.27
CA ARG A 27 -10.64 3.94 -12.96
C ARG A 27 -9.79 5.04 -12.31
N LEU A 28 -9.52 6.12 -13.04
CA LEU A 28 -8.81 7.27 -12.51
C LEU A 28 -9.79 8.05 -11.61
N LEU A 29 -9.52 8.08 -10.33
CA LEU A 29 -10.39 8.78 -9.39
C LEU A 29 -10.16 10.28 -9.35
N ARG A 30 -8.90 10.70 -9.46
CA ARG A 30 -8.49 12.10 -9.31
C ARG A 30 -7.06 12.24 -9.82
N ARG A 31 -6.79 13.30 -10.56
CA ARG A 31 -5.44 13.56 -11.05
C ARG A 31 -5.13 15.03 -10.82
N ARG A 32 -3.93 15.35 -10.34
CA ARG A 32 -3.49 16.73 -10.16
C ARG A 32 -2.03 16.85 -10.64
N ASP A 33 -1.79 17.79 -11.58
CA ASP A 33 -0.49 18.07 -12.16
C ASP A 33 -0.09 19.45 -11.71
N TYR A 34 1.08 19.57 -11.08
CA TYR A 34 1.52 20.85 -10.54
C TYR A 34 2.75 21.35 -11.26
N PRO A 35 2.61 22.27 -12.26
CA PRO A 35 3.80 22.81 -12.94
C PRO A 35 4.75 23.51 -11.95
N GLU A 36 4.21 24.09 -10.87
CA GLU A 36 4.95 24.82 -9.82
C GLU A 36 5.86 23.88 -9.04
N GLY A 37 5.43 22.64 -8.80
CA GLY A 37 6.23 21.65 -8.10
C GLY A 37 6.85 20.58 -8.98
N ARG A 38 6.49 20.59 -10.29
CA ARG A 38 6.94 19.62 -11.31
C ARG A 38 6.71 18.17 -10.94
N PHE A 39 5.50 17.90 -10.49
CA PHE A 39 5.09 16.56 -10.15
C PHE A 39 3.62 16.41 -10.42
N THR A 40 3.19 15.17 -10.64
CA THR A 40 1.79 14.80 -10.82
C THR A 40 1.40 13.67 -9.87
N LEU A 41 0.15 13.70 -9.40
CA LEU A 41 -0.40 12.62 -8.57
C LEU A 41 -1.63 12.13 -9.30
N ALA A 42 -1.85 10.82 -9.23
CA ALA A 42 -3.01 10.16 -9.80
C ALA A 42 -3.49 9.11 -8.81
N PHE A 43 -4.75 9.20 -8.41
CA PHE A 43 -5.39 8.25 -7.52
C PHE A 43 -6.26 7.33 -8.36
N VAL A 44 -5.93 6.04 -8.34
CA VAL A 44 -6.64 4.98 -9.06
C VAL A 44 -7.28 4.02 -8.06
N GLY A 45 -8.34 3.36 -8.50
CA GLY A 45 -9.09 2.46 -7.64
C GLY A 45 -10.40 2.03 -8.23
N TYR A 46 -11.26 1.49 -7.37
CA TYR A 46 -12.54 0.91 -7.78
C TYR A 46 -13.71 1.64 -7.27
N GLN A 47 -13.58 2.22 -6.09
CA GLN A 47 -14.65 2.97 -5.44
C GLN A 47 -14.17 4.37 -5.20
N ASP A 48 -15.12 5.30 -4.92
CA ASP A 48 -14.79 6.71 -4.60
C ASP A 48 -13.85 6.74 -3.38
N GLU A 49 -12.91 7.71 -3.34
CA GLU A 49 -11.95 7.91 -2.24
C GLU A 49 -12.62 8.01 -0.87
N ARG A 50 -13.83 8.56 -0.84
CA ARG A 50 -14.66 8.71 0.36
C ARG A 50 -15.11 7.36 0.91
N ALA A 51 -15.28 6.36 0.02
CA ALA A 51 -15.78 5.02 0.35
C ALA A 51 -14.71 3.96 0.63
N ALA A 52 -13.50 4.10 0.02
CA ALA A 52 -12.49 3.06 0.08
C ALA A 52 -11.08 3.58 -0.10
N ALA A 53 -10.10 2.73 0.25
CA ALA A 53 -8.68 3.00 0.10
C ALA A 53 -8.35 2.97 -1.40
N ALA A 54 -7.48 3.88 -1.83
CA ALA A 54 -7.09 3.95 -3.24
C ALA A 54 -5.58 3.78 -3.38
N LEU A 55 -5.11 3.74 -4.62
CA LEU A 55 -3.71 3.69 -4.93
C LEU A 55 -3.27 5.10 -5.45
N GLU A 56 -2.31 5.72 -4.75
CA GLU A 56 -1.75 7.02 -5.12
C GLU A 56 -0.47 6.78 -5.92
N LEU A 57 -0.43 7.26 -7.17
CA LEU A 57 0.74 7.17 -8.04
C LEU A 57 1.33 8.56 -8.14
N THR A 58 2.63 8.68 -7.81
CA THR A 58 3.35 9.96 -7.81
C THR A 58 4.37 9.97 -8.92
N HIS A 59 4.32 11.03 -9.73
CA HIS A 59 5.23 11.21 -10.85
C HIS A 59 6.00 12.52 -10.77
N ASN A 60 7.27 12.41 -10.46
CA ASN A 60 8.19 13.53 -10.42
C ASN A 60 8.73 13.71 -11.86
N TRP A 61 8.30 14.80 -12.53
CA TRP A 61 8.60 15.10 -13.94
C TRP A 61 10.08 15.01 -14.29
N ASP A 62 10.96 15.33 -13.34
CA ASP A 62 12.40 15.27 -13.57
C ASP A 62 13.11 14.01 -13.03
N ARG A 63 12.38 13.03 -12.44
CA ARG A 63 12.98 11.77 -11.96
C ARG A 63 12.73 10.74 -13.05
N ASP A 64 13.81 10.21 -13.65
CA ASP A 64 13.73 9.19 -14.71
C ASP A 64 13.34 7.84 -14.15
N GLY A 65 13.76 7.55 -12.92
CA GLY A 65 13.53 6.25 -12.29
C GLY A 65 13.75 6.19 -10.78
N TYR A 66 13.37 5.04 -10.21
CA TYR A 66 13.41 4.74 -8.78
C TYR A 66 14.12 3.41 -8.54
N THR A 67 14.73 3.25 -7.36
CA THR A 67 15.34 2.00 -7.00
C THR A 67 14.37 1.19 -6.14
N GLN A 68 14.11 -0.05 -6.54
CA GLN A 68 13.25 -0.94 -5.75
C GLN A 68 14.10 -1.65 -4.69
N GLY A 69 13.51 -1.85 -3.54
CA GLY A 69 14.14 -2.59 -2.45
C GLY A 69 13.35 -3.85 -2.15
N ASP A 70 13.55 -4.43 -0.97
CA ASP A 70 12.78 -5.62 -0.59
C ASP A 70 11.88 -5.43 0.63
N GLY A 71 11.70 -4.19 1.05
CA GLY A 71 10.87 -3.83 2.19
C GLY A 71 9.40 -3.76 1.83
N TYR A 72 9.08 -2.97 0.81
CA TYR A 72 7.71 -2.87 0.31
C TYR A 72 7.32 -4.18 -0.31
N GLY A 73 6.12 -4.65 -0.01
CA GLY A 73 5.68 -5.94 -0.53
C GLY A 73 4.87 -5.88 -1.80
N HIS A 74 3.56 -5.65 -1.66
CA HIS A 74 2.65 -5.65 -2.81
C HIS A 74 1.33 -4.97 -2.48
N LEU A 75 0.50 -4.82 -3.52
CA LEU A 75 -0.86 -4.36 -3.39
C LEU A 75 -1.69 -5.58 -3.78
N ALA A 76 -2.62 -5.99 -2.90
CA ALA A 76 -3.45 -7.12 -3.24
C ALA A 76 -4.83 -6.68 -3.70
N ILE A 77 -5.31 -7.33 -4.75
CA ILE A 77 -6.62 -7.02 -5.33
C ILE A 77 -7.50 -8.28 -5.38
N GLU A 78 -8.75 -8.12 -4.98
CA GLU A 78 -9.74 -9.17 -5.09
C GLU A 78 -10.23 -9.26 -6.54
N VAL A 79 -10.09 -10.44 -7.22
CA VAL A 79 -10.55 -10.68 -8.60
C VAL A 79 -11.63 -11.82 -8.64
N GLU A 80 -12.56 -11.78 -9.62
CA GLU A 80 -13.57 -12.84 -9.75
C GLU A 80 -12.89 -14.15 -10.18
N ASP A 81 -11.99 -14.07 -11.19
CA ASP A 81 -11.24 -15.19 -11.74
C ASP A 81 -9.80 -14.78 -12.05
N ALA A 82 -8.84 -15.33 -11.27
CA ALA A 82 -7.41 -14.99 -11.38
C ALA A 82 -6.72 -15.41 -12.68
N ALA A 83 -7.06 -16.62 -13.22
CA ALA A 83 -6.54 -17.11 -14.51
C ALA A 83 -6.92 -16.16 -15.65
N VAL A 84 -8.19 -15.71 -15.68
CA VAL A 84 -8.74 -14.75 -16.65
C VAL A 84 -7.96 -13.38 -16.60
N THR A 85 -7.79 -12.79 -15.38
CA THR A 85 -7.00 -11.56 -15.22
C THR A 85 -5.56 -11.74 -15.73
N CYS A 86 -4.92 -12.89 -15.45
CA CYS A 86 -3.56 -13.20 -15.93
C CYS A 86 -3.49 -13.24 -17.44
N ALA A 87 -4.42 -14.00 -18.08
CA ALA A 87 -4.51 -14.14 -19.55
C ALA A 87 -4.75 -12.76 -20.21
N ARG A 88 -5.59 -11.91 -19.57
CA ARG A 88 -5.87 -10.56 -20.05
C ARG A 88 -4.58 -9.71 -19.91
N ALA A 89 -3.88 -9.81 -18.75
CA ALA A 89 -2.61 -9.10 -18.54
C ALA A 89 -1.58 -9.49 -19.61
N ARG A 90 -1.47 -10.81 -19.91
CA ARG A 90 -0.52 -11.31 -20.94
C ARG A 90 -0.86 -10.81 -22.33
N ALA A 91 -2.18 -10.73 -22.68
CA ALA A 91 -2.66 -10.24 -23.98
C ALA A 91 -2.31 -8.78 -24.18
N LEU A 92 -2.21 -8.01 -23.08
CA LEU A 92 -1.84 -6.61 -23.12
C LEU A 92 -0.32 -6.47 -23.05
N GLY A 93 0.36 -7.61 -22.92
CA GLY A 93 1.82 -7.67 -22.83
C GLY A 93 2.39 -7.25 -21.49
N TYR A 94 1.62 -7.46 -20.41
CA TYR A 94 2.07 -7.17 -19.06
C TYR A 94 2.64 -8.42 -18.43
N ARG A 95 3.52 -8.25 -17.46
CA ARG A 95 4.24 -9.34 -16.82
C ARG A 95 3.44 -10.04 -15.74
N VAL A 96 3.22 -11.37 -15.92
CA VAL A 96 2.62 -12.27 -14.95
C VAL A 96 3.87 -13.03 -14.41
N THR A 97 4.23 -12.78 -13.13
CA THR A 97 5.40 -13.39 -12.49
C THR A 97 5.05 -14.71 -11.80
N ARG A 98 3.75 -14.94 -11.58
CA ARG A 98 3.22 -16.17 -10.99
C ARG A 98 1.78 -16.31 -11.46
N GLU A 99 1.57 -17.33 -12.31
CA GLU A 99 0.28 -17.71 -12.87
C GLU A 99 -0.65 -18.16 -11.76
N ALA A 100 -1.97 -17.95 -11.95
CA ALA A 100 -3.02 -18.34 -11.02
C ALA A 100 -2.96 -19.83 -10.68
N GLY A 101 -3.17 -20.11 -9.40
CA GLY A 101 -3.18 -21.45 -8.83
C GLY A 101 -3.24 -21.38 -7.33
N LEU A 102 -3.50 -22.52 -6.69
CA LEU A 102 -3.55 -22.62 -5.23
C LEU A 102 -2.14 -22.40 -4.71
N MET A 103 -1.98 -21.52 -3.70
CA MET A 103 -0.65 -21.26 -3.16
C MET A 103 -0.26 -22.36 -2.16
N GLN A 104 1.05 -22.71 -2.16
CA GLN A 104 1.73 -23.72 -1.35
C GLN A 104 0.88 -24.66 -0.49
N HIS A 105 0.48 -24.20 0.71
CA HIS A 105 -0.36 -24.97 1.61
C HIS A 105 -1.53 -24.09 2.04
N GLY A 106 -2.52 -24.05 1.16
CA GLY A 106 -3.75 -23.28 1.31
C GLY A 106 -4.74 -23.60 0.19
N ARG A 107 -6.01 -23.16 0.35
CA ARG A 107 -7.07 -23.35 -0.64
C ARG A 107 -7.34 -22.02 -1.41
N SER A 108 -6.45 -21.03 -1.20
CA SER A 108 -6.52 -19.71 -1.83
C SER A 108 -5.98 -19.72 -3.26
N VAL A 109 -6.77 -19.26 -4.24
CA VAL A 109 -6.29 -19.12 -5.62
C VAL A 109 -5.63 -17.74 -5.67
N ILE A 110 -4.32 -17.71 -5.96
CA ILE A 110 -3.53 -16.49 -6.00
C ILE A 110 -2.74 -16.37 -7.32
N ALA A 111 -2.37 -15.14 -7.69
CA ALA A 111 -1.53 -14.87 -8.88
C ALA A 111 -0.74 -13.59 -8.65
N PHE A 112 0.42 -13.44 -9.31
CA PHE A 112 1.22 -12.24 -9.22
C PHE A 112 1.49 -11.57 -10.53
N LEU A 113 1.26 -10.25 -10.56
CA LEU A 113 1.61 -9.44 -11.70
C LEU A 113 2.62 -8.45 -11.20
N GLU A 114 3.33 -7.84 -12.15
CA GLU A 114 4.28 -6.76 -11.95
C GLU A 114 3.80 -5.64 -12.83
N ASP A 115 3.73 -4.43 -12.28
CA ASP A 115 3.33 -3.25 -13.01
C ASP A 115 4.55 -2.78 -13.84
N PRO A 116 4.44 -1.73 -14.72
CA PRO A 116 5.61 -1.31 -15.52
C PRO A 116 6.84 -0.94 -14.73
N ASP A 117 6.67 -0.45 -13.49
CA ASP A 117 7.77 -0.05 -12.61
C ASP A 117 8.41 -1.19 -11.83
N GLY A 118 7.84 -2.39 -11.92
CA GLY A 118 8.34 -3.55 -11.20
C GLY A 118 7.61 -3.81 -9.89
N TYR A 119 6.59 -2.97 -9.52
CA TYR A 119 5.78 -3.19 -8.30
C TYR A 119 4.92 -4.43 -8.42
N LYS A 120 4.90 -5.27 -7.35
CA LYS A 120 4.12 -6.51 -7.31
C LYS A 120 2.65 -6.24 -7.03
N VAL A 121 1.80 -6.91 -7.81
CA VAL A 121 0.37 -6.87 -7.63
C VAL A 121 -0.08 -8.30 -7.36
N GLU A 122 -0.68 -8.53 -6.19
CA GLU A 122 -1.19 -9.82 -5.78
C GLU A 122 -2.69 -9.90 -6.11
N LEU A 123 -3.06 -10.93 -6.86
CA LEU A 123 -4.44 -11.19 -7.21
C LEU A 123 -4.96 -12.31 -6.33
N ILE A 124 -6.08 -12.07 -5.66
CA ILE A 124 -6.64 -13.10 -4.80
C ILE A 124 -8.07 -13.34 -5.30
N GLN A 125 -8.34 -14.58 -5.69
CA GLN A 125 -9.65 -14.95 -6.23
C GLN A 125 -10.72 -14.93 -5.17
N LYS A 126 -11.84 -14.22 -5.46
CA LYS A 126 -13.05 -14.11 -4.64
C LYS A 126 -13.49 -15.54 -4.25
N GLY A 127 -13.57 -15.76 -2.95
CA GLY A 127 -13.85 -17.05 -2.35
C GLY A 127 -12.79 -17.38 -1.32
N THR A 128 -11.80 -16.46 -1.17
CA THR A 128 -10.70 -16.53 -0.23
C THR A 128 -10.73 -15.31 0.72
N MET B 1 -14.38 -6.23 -8.16
CA MET B 1 -12.98 -6.01 -7.78
C MET B 1 -12.88 -4.99 -6.65
N ARG B 2 -11.90 -5.21 -5.76
CA ARG B 2 -11.59 -4.29 -4.67
C ARG B 2 -10.15 -4.44 -4.19
N ILE B 3 -9.61 -3.37 -3.59
CA ILE B 3 -8.26 -3.40 -3.03
C ILE B 3 -8.38 -4.14 -1.69
N LEU B 4 -7.60 -5.20 -1.52
CA LEU B 4 -7.65 -6.00 -0.27
C LEU B 4 -6.69 -5.52 0.78
N HIS B 5 -5.43 -5.29 0.39
CA HIS B 5 -4.42 -4.84 1.34
C HIS B 5 -3.17 -4.31 0.62
N SER B 6 -2.32 -3.63 1.38
CA SER B 6 -0.97 -3.21 1.03
C SER B 6 -0.12 -4.07 1.99
N MET B 7 0.98 -4.63 1.51
CA MET B 7 1.87 -5.46 2.31
C MET B 7 3.23 -4.80 2.50
N LEU B 8 3.73 -4.79 3.75
CA LEU B 8 5.04 -4.28 4.18
C LEU B 8 5.76 -5.38 4.95
N ARG B 9 7.07 -5.59 4.67
CA ARG B 9 7.88 -6.56 5.40
C ARG B 9 8.49 -5.85 6.62
N VAL B 10 8.43 -6.48 7.80
CA VAL B 10 8.89 -5.89 9.08
C VAL B 10 10.00 -6.74 9.73
N ALA B 11 11.04 -6.10 10.27
CA ALA B 11 12.15 -6.82 10.89
C ALA B 11 11.71 -7.44 12.25
N ASP B 12 10.87 -6.73 13.00
CA ASP B 12 10.42 -7.21 14.31
C ASP B 12 8.88 -7.06 14.32
N LEU B 13 8.15 -8.20 14.23
CA LEU B 13 6.68 -8.20 14.21
C LEU B 13 6.08 -7.54 15.47
N GLU B 14 6.63 -7.86 16.65
CA GLU B 14 6.10 -7.29 17.89
C GLU B 14 6.27 -5.78 17.96
N ALA B 15 7.44 -5.24 17.52
CA ALA B 15 7.67 -3.78 17.51
C ALA B 15 6.67 -3.05 16.56
N ALA B 16 6.47 -3.62 15.37
CA ALA B 16 5.57 -3.18 14.31
C ALA B 16 4.12 -3.17 14.85
N LEU B 17 3.64 -4.30 15.45
CA LEU B 17 2.28 -4.38 16.02
C LEU B 17 2.08 -3.41 17.12
N GLU B 18 3.13 -3.20 17.92
CA GLU B 18 3.09 -2.22 19.02
C GLU B 18 2.81 -0.81 18.44
N PHE B 19 3.44 -0.46 17.30
CA PHE B 19 3.27 0.83 16.65
C PHE B 19 1.86 0.96 16.06
N TYR B 20 1.44 0.02 15.21
CA TYR B 20 0.14 0.08 14.57
C TYR B 20 -1.06 0.05 15.51
N THR B 21 -0.98 -0.73 16.59
CA THR B 21 -2.09 -0.79 17.55
C THR B 21 -2.08 0.35 18.57
N ARG B 22 -0.92 0.71 19.14
CA ARG B 22 -0.88 1.76 20.15
C ARG B 22 -0.83 3.16 19.57
N ALA B 23 0.11 3.43 18.63
CA ALA B 23 0.21 4.77 18.04
C ALA B 23 -0.95 5.06 17.12
N LEU B 24 -1.35 4.07 16.30
CA LEU B 24 -2.42 4.28 15.33
C LEU B 24 -3.80 3.71 15.68
N ASP B 25 -3.94 3.09 16.87
CA ASP B 25 -5.22 2.51 17.28
C ASP B 25 -5.78 1.47 16.29
N MET B 26 -4.92 0.79 15.52
CA MET B 26 -5.43 -0.25 14.64
C MET B 26 -5.79 -1.48 15.44
N ARG B 27 -6.70 -2.32 14.91
CA ARG B 27 -7.07 -3.59 15.53
C ARG B 27 -6.21 -4.66 14.84
N LEU B 28 -5.79 -5.67 15.61
CA LEU B 28 -5.09 -6.80 15.01
C LEU B 28 -6.24 -7.68 14.54
N LEU B 29 -6.46 -7.74 13.22
CA LEU B 29 -7.61 -8.47 12.66
C LEU B 29 -7.35 -9.97 12.50
N ARG B 30 -6.13 -10.32 12.13
CA ARG B 30 -5.77 -11.69 11.79
C ARG B 30 -4.25 -11.77 11.87
N ARG B 31 -3.76 -12.93 12.29
CA ARG B 31 -2.33 -13.18 12.45
C ARG B 31 -2.11 -14.69 12.27
N ARG B 32 -1.07 -15.11 11.52
CA ARG B 32 -0.84 -16.53 11.26
C ARG B 32 0.60 -16.92 11.00
N ASP B 33 1.11 -17.92 11.73
CA ASP B 33 2.44 -18.48 11.48
C ASP B 33 2.34 -19.41 10.26
N TYR B 34 3.33 -19.38 9.35
CA TYR B 34 3.46 -20.27 8.19
C TYR B 34 4.84 -20.95 8.39
N PRO B 35 4.87 -22.09 9.13
CA PRO B 35 6.15 -22.73 9.49
C PRO B 35 6.95 -23.27 8.32
N GLU B 36 6.28 -23.76 7.27
CA GLU B 36 6.98 -24.27 6.08
C GLU B 36 7.72 -23.12 5.36
N GLY B 37 7.11 -21.95 5.30
CA GLY B 37 7.73 -20.78 4.66
C GLY B 37 8.60 -19.98 5.61
N ARG B 38 8.54 -20.30 6.93
CA ARG B 38 9.27 -19.58 7.98
C ARG B 38 8.93 -18.10 8.04
N PHE B 39 7.62 -17.82 8.01
CA PHE B 39 7.16 -16.44 8.15
C PHE B 39 5.88 -16.42 8.90
N THR B 40 5.51 -15.24 9.37
CA THR B 40 4.25 -14.93 10.03
C THR B 40 3.63 -13.74 9.29
N LEU B 41 2.30 -13.78 9.10
CA LEU B 41 1.48 -12.71 8.51
C LEU B 41 0.62 -12.10 9.60
N ALA B 42 0.50 -10.77 9.63
CA ALA B 42 -0.40 -10.04 10.51
C ALA B 42 -1.17 -9.02 9.68
N PHE B 43 -2.48 -8.90 9.93
CA PHE B 43 -3.37 -7.95 9.25
C PHE B 43 -3.92 -6.97 10.27
N VAL B 44 -3.57 -5.70 10.10
CA VAL B 44 -4.02 -4.62 10.99
C VAL B 44 -4.93 -3.67 10.23
N GLY B 45 -5.86 -3.05 10.94
CA GLY B 45 -6.77 -2.11 10.28
C GLY B 45 -7.85 -1.55 11.16
N TYR B 46 -8.81 -0.87 10.57
CA TYR B 46 -9.89 -0.25 11.33
C TYR B 46 -11.21 -0.94 11.13
N GLN B 47 -11.39 -1.62 9.98
CA GLN B 47 -12.65 -2.29 9.69
C GLN B 47 -12.40 -3.76 9.34
N ASP B 48 -13.46 -4.57 9.25
CA ASP B 48 -13.44 -5.99 8.84
C ASP B 48 -12.83 -6.04 7.45
N GLU B 49 -11.95 -7.04 7.20
CA GLU B 49 -11.26 -7.25 5.92
C GLU B 49 -12.22 -7.38 4.74
N ARG B 50 -13.45 -7.91 5.00
CA ARG B 50 -14.48 -8.10 3.97
C ARG B 50 -15.05 -6.75 3.54
N ALA B 51 -14.98 -5.72 4.42
CA ALA B 51 -15.52 -4.39 4.18
C ALA B 51 -14.52 -3.32 3.72
N ALA B 52 -13.21 -3.52 4.05
CA ALA B 52 -12.20 -2.51 3.76
C ALA B 52 -10.82 -3.10 3.59
N ALA B 53 -9.93 -2.35 2.91
CA ALA B 53 -8.56 -2.76 2.67
C ALA B 53 -7.80 -2.62 4.00
N ALA B 54 -6.90 -3.55 4.25
CA ALA B 54 -6.11 -3.54 5.48
C ALA B 54 -4.64 -3.35 5.18
N LEU B 55 -3.82 -3.46 6.21
CA LEU B 55 -2.37 -3.43 6.11
C LEU B 55 -1.84 -4.84 6.51
N GLU B 56 -1.16 -5.50 5.59
CA GLU B 56 -0.55 -6.80 5.80
C GLU B 56 0.91 -6.62 6.17
N LEU B 57 1.29 -7.22 7.30
CA LEU B 57 2.65 -7.18 7.82
C LEU B 57 3.27 -8.56 7.69
N THR B 58 4.42 -8.64 7.01
CA THR B 58 5.11 -9.91 6.83
C THR B 58 6.40 -9.93 7.65
N HIS B 59 6.52 -10.93 8.49
CA HIS B 59 7.71 -11.12 9.29
C HIS B 59 8.39 -12.42 8.87
N ASN B 60 9.57 -12.32 8.25
CA ASN B 60 10.33 -13.50 7.85
C ASN B 60 11.25 -13.81 9.03
N TRP B 61 11.12 -15.04 9.58
CA TRP B 61 11.86 -15.50 10.77
C TRP B 61 13.37 -15.46 10.64
N ASP B 62 13.91 -15.69 9.45
CA ASP B 62 15.36 -15.76 9.28
C ASP B 62 16.04 -14.48 8.80
N ARG B 63 15.32 -13.35 8.91
CA ARG B 63 15.77 -12.01 8.51
C ARG B 63 15.89 -11.08 9.69
N ASP B 64 16.89 -10.21 9.64
CA ASP B 64 17.15 -9.22 10.66
C ASP B 64 16.67 -7.83 10.22
N GLY B 65 16.49 -7.69 8.90
CA GLY B 65 16.13 -6.42 8.28
C GLY B 65 15.98 -6.46 6.77
N TYR B 66 15.62 -5.31 6.22
CA TYR B 66 15.32 -5.10 4.80
C TYR B 66 16.06 -3.93 4.20
N THR B 67 16.22 -3.94 2.89
CA THR B 67 16.84 -2.85 2.15
C THR B 67 15.67 -2.08 1.53
N GLN B 68 15.41 -0.87 1.99
CA GLN B 68 14.33 -0.04 1.47
C GLN B 68 14.77 0.68 0.22
N GLY B 69 13.95 0.59 -0.83
CA GLY B 69 14.20 1.32 -2.07
C GLY B 69 13.65 2.72 -1.91
N ASP B 70 13.69 3.52 -2.99
CA ASP B 70 13.19 4.88 -2.92
C ASP B 70 11.86 5.07 -3.68
N GLY B 71 11.26 3.97 -4.15
CA GLY B 71 10.01 4.01 -4.88
C GLY B 71 8.81 4.09 -3.95
N TYR B 72 8.78 3.21 -2.93
CA TYR B 72 7.67 3.18 -1.98
C TYR B 72 7.48 4.50 -1.25
N GLY B 73 6.24 4.98 -1.27
CA GLY B 73 5.92 6.26 -0.64
C GLY B 73 5.51 6.22 0.80
N HIS B 74 4.21 5.94 1.03
CA HIS B 74 3.62 5.95 2.37
C HIS B 74 2.22 5.33 2.33
N LEU B 75 1.63 5.18 3.53
CA LEU B 75 0.29 4.73 3.77
C LEU B 75 -0.38 5.93 4.43
N ALA B 76 -1.51 6.38 3.87
CA ALA B 76 -2.23 7.51 4.46
C ALA B 76 -3.39 7.02 5.30
N ILE B 77 -3.61 7.68 6.43
CA ILE B 77 -4.68 7.33 7.36
C ILE B 77 -5.48 8.57 7.72
N GLU B 78 -6.81 8.40 7.77
CA GLU B 78 -7.74 9.44 8.18
C GLU B 78 -7.86 9.38 9.70
N VAL B 79 -7.66 10.52 10.35
CA VAL B 79 -7.69 10.64 11.80
C VAL B 79 -8.72 11.70 12.23
N GLU B 80 -9.30 11.53 13.43
CA GLU B 80 -10.24 12.51 13.98
C GLU B 80 -9.53 13.78 14.39
N ASP B 81 -8.34 13.66 15.00
CA ASP B 81 -7.54 14.82 15.42
C ASP B 81 -6.05 14.51 15.18
N ALA B 82 -5.49 15.08 14.09
CA ALA B 82 -4.08 14.86 13.76
C ALA B 82 -3.09 15.31 14.86
N ALA B 83 -3.36 16.45 15.54
CA ALA B 83 -2.52 16.98 16.64
C ALA B 83 -2.45 16.00 17.81
N VAL B 84 -3.59 15.37 18.16
CA VAL B 84 -3.70 14.37 19.22
C VAL B 84 -2.92 13.09 18.85
N THR B 85 -3.10 12.54 17.61
CA THR B 85 -2.38 11.33 17.15
C THR B 85 -0.85 11.58 17.19
N CYS B 86 -0.42 12.80 16.74
CA CYS B 86 0.98 13.27 16.71
C CYS B 86 1.60 13.32 18.08
N ALA B 87 0.93 13.98 19.04
CA ALA B 87 1.35 14.12 20.43
C ALA B 87 1.40 12.73 21.10
N ARG B 88 0.48 11.82 20.71
CA ARG B 88 0.46 10.45 21.24
C ARG B 88 1.66 9.65 20.71
N ALA B 89 1.92 9.69 19.38
CA ALA B 89 3.06 8.99 18.77
C ALA B 89 4.42 9.46 19.37
N ARG B 90 4.51 10.75 19.68
CA ARG B 90 5.72 11.34 20.27
C ARG B 90 5.94 10.78 21.68
N ALA B 91 4.89 10.77 22.52
CA ALA B 91 4.91 10.24 23.89
C ALA B 91 5.47 8.81 23.96
N LEU B 92 5.16 7.99 22.93
CA LEU B 92 5.58 6.59 22.74
C LEU B 92 6.99 6.44 22.12
N GLY B 93 7.61 7.56 21.78
CA GLY B 93 8.95 7.57 21.21
C GLY B 93 9.06 7.38 19.71
N TYR B 94 7.96 7.61 18.96
CA TYR B 94 8.03 7.52 17.51
C TYR B 94 8.29 8.89 16.88
N ARG B 95 9.04 8.91 15.78
CA ARG B 95 9.32 10.17 15.11
C ARG B 95 8.13 10.66 14.33
N VAL B 96 7.88 11.96 14.45
CA VAL B 96 6.87 12.70 13.72
C VAL B 96 7.64 13.76 12.91
N THR B 97 7.37 13.85 11.60
CA THR B 97 7.92 14.92 10.75
C THR B 97 6.71 15.64 10.20
N ARG B 98 6.81 16.95 10.00
CA ARG B 98 5.70 17.75 9.46
C ARG B 98 6.17 18.51 8.23
N GLU B 99 5.31 18.57 7.21
CA GLU B 99 5.61 19.25 5.95
C GLU B 99 4.60 20.36 5.71
N ALA B 100 5.11 21.55 5.40
CA ALA B 100 4.26 22.69 5.05
C ALA B 100 4.48 23.04 3.57
N GLY B 101 3.43 23.45 2.89
CA GLY B 101 3.50 23.87 1.49
C GLY B 101 3.38 22.76 0.46
N LEU B 102 2.89 21.56 0.87
CA LEU B 102 2.69 20.45 -0.08
C LEU B 102 1.49 20.91 -0.90
N MET B 103 1.76 21.34 -2.15
CA MET B 103 0.72 21.88 -3.06
C MET B 103 -0.47 20.96 -3.27
N GLN B 104 -0.29 19.65 -3.01
CA GLN B 104 -1.36 18.66 -3.08
C GLN B 104 -2.23 18.70 -1.82
N HIS B 105 -1.81 19.44 -0.78
CA HIS B 105 -2.60 19.52 0.47
C HIS B 105 -3.06 20.98 0.81
N GLY B 106 -3.08 21.86 -0.19
CA GLY B 106 -3.50 23.25 -0.04
C GLY B 106 -2.71 24.05 0.98
N ARG B 107 -3.37 24.46 2.07
CA ARG B 107 -2.76 25.23 3.16
C ARG B 107 -2.49 24.35 4.39
N SER B 108 -2.82 23.03 4.31
CA SER B 108 -2.61 22.13 5.44
C SER B 108 -1.14 21.75 5.63
N VAL B 109 -0.73 21.69 6.90
CA VAL B 109 0.59 21.21 7.29
C VAL B 109 0.32 19.73 7.53
N ILE B 110 1.06 18.86 6.86
CA ILE B 110 0.81 17.41 7.00
C ILE B 110 1.87 16.74 7.84
N ALA B 111 1.42 15.93 8.81
CA ALA B 111 2.30 15.15 9.67
C ALA B 111 2.49 13.74 9.13
N PHE B 112 3.72 13.24 9.27
CA PHE B 112 4.12 11.91 8.85
C PHE B 112 4.71 11.15 10.05
N LEU B 113 4.12 10.00 10.36
CA LEU B 113 4.67 9.17 11.43
C LEU B 113 5.67 8.21 10.81
N GLU B 114 6.69 7.86 11.58
CA GLU B 114 7.67 6.90 11.14
C GLU B 114 7.54 5.61 11.97
N ASP B 115 7.28 4.49 11.30
CA ASP B 115 7.10 3.20 11.97
C ASP B 115 8.46 2.56 12.39
N PRO B 116 8.50 1.48 13.20
CA PRO B 116 9.81 0.89 13.60
C PRO B 116 10.74 0.46 12.47
N ASP B 117 10.19 0.20 11.29
CA ASP B 117 10.97 -0.21 10.12
C ASP B 117 11.32 0.98 9.22
N GLY B 118 10.90 2.17 9.60
CA GLY B 118 11.17 3.38 8.83
C GLY B 118 10.12 3.72 7.78
N TYR B 119 9.00 2.96 7.73
CA TYR B 119 7.93 3.26 6.76
C TYR B 119 7.16 4.46 7.22
N LYS B 120 6.81 5.35 6.28
CA LYS B 120 6.09 6.59 6.58
C LYS B 120 4.59 6.40 6.58
N VAL B 121 3.92 7.03 7.55
CA VAL B 121 2.47 7.01 7.69
C VAL B 121 1.98 8.47 7.58
N GLU B 122 1.22 8.76 6.54
CA GLU B 122 0.66 10.09 6.32
C GLU B 122 -0.62 10.29 7.11
N LEU B 123 -0.65 11.35 7.93
CA LEU B 123 -1.85 11.64 8.73
C LEU B 123 -2.70 12.69 8.03
N ILE B 124 -3.93 12.35 7.71
CA ILE B 124 -4.89 13.25 7.09
C ILE B 124 -6.04 13.44 8.07
N GLN B 125 -6.19 14.68 8.53
CA GLN B 125 -7.24 15.09 9.44
C GLN B 125 -8.61 14.90 8.72
N LYS B 126 -9.56 14.17 9.36
CA LYS B 126 -10.92 13.94 8.85
C LYS B 126 -11.59 15.32 8.67
N GLY B 127 -12.09 15.57 7.46
CA GLY B 127 -12.74 16.82 7.09
C GLY B 127 -12.05 17.52 5.94
C1 GOL C . -3.41 21.54 -9.99
O1 GOL C . -4.01 20.76 -11.02
C2 GOL C . -3.19 22.97 -10.43
O2 GOL C . -4.40 23.71 -10.26
C3 GOL C . -2.78 23.03 -11.88
O3 GOL C . -3.62 22.20 -12.68
C TAM D . 10.25 -6.26 -7.17
C1 TAM D . 10.76 -6.92 -5.88
C2 TAM D . 10.10 -4.73 -7.04
C3 TAM D . 11.17 -6.64 -8.35
C4 TAM D . 12.25 -6.82 -5.52
C5 TAM D . 9.63 -4.23 -5.68
C6 TAM D . 10.74 -6.22 -9.76
N TAM D . 8.89 -6.79 -7.41
O4 TAM D . 12.71 -5.46 -5.45
O5 TAM D . 8.67 -3.19 -5.79
O6 TAM D . 11.29 -4.94 -10.06
ZN ZN E . -0.58 10.38 0.24
C1 GOL F . -0.01 -13.35 0.84
O1 GOL F . 0.62 -12.09 0.63
C2 GOL F . -1.29 -13.13 1.63
O2 GOL F . -1.93 -11.95 1.18
C3 GOL F . -2.25 -14.30 1.64
O3 GOL F . -2.92 -14.43 0.40
NI NI G . -0.72 -10.14 0.52
CL CL H . 9.28 10.99 -16.16
ZN ZN I . 0.15 13.59 0.77
#